data_8D24
#
_entry.id   8D24
#
_cell.length_a   83.997
_cell.length_b   83.997
_cell.length_c   292.603
_cell.angle_alpha   90.00
_cell.angle_beta   90.00
_cell.angle_gamma   120.00
#
_symmetry.space_group_name_H-M   'P 65 2 2'
#
loop_
_entity.id
_entity.type
_entity.pdbx_description
1 polymer 'Chaperone DnaK'
2 non-polymer 4-[[(2R,3S,4R,5R)-5-[6-amino-8-[(3,4-dichlorophenyl)methylamino]purin-9-yl]-3,4-dihydroxy-oxolan-2-yl]methoxymethyl]benzonitrile
3 non-polymer 'SULFATE ION'
4 water water
#
_entity_poly.entity_id   1
_entity_poly.type   'polypeptide(L)'
_entity_poly.pdbx_seq_one_letter_code
;MHHHHHHSSGRENLYFQGIEGPVIGIDLGTTYSCVGVFKNGRVEILNNELGNRITPSYVSFVDGERKVGEAAKLEATLHP
TQTVFDVKRLIGRKFDDQEVVKDRSLLPYEIVNNQGKPNIKVQIKDKDTTFAPEQISAMVLEKMKEIAQSFLGKPVKNAV
VTVPAYFNDAQRQATKDAGTIAGLNIVRIINEPTAAALAYGLDKKEETSILVYDLGGGTFDVSILVIDNGVFEVYATAGN
THLGGEDFDQRVMDYFIKMFKKKNNIDLRTDKRAIQKLRKEVEIAKRNLSVVHSTQIEIEDIVEGHNFSETLTRAKFEEL
NDDLFRETLEPVKKVLDDAKYEKSKIDEIVLVGGSTRIPKIQQIIKEFFNGKEPNRGINPDEAVAYGAAIQAGIILG
;
_entity_poly.pdbx_strand_id   A
#
# COMPACT_ATOMS: atom_id res chain seq x y z
N GLY A 21 13.19 -25.52 8.38
CA GLY A 21 12.14 -25.36 7.35
C GLY A 21 12.27 -23.99 6.70
N PRO A 22 11.44 -23.68 5.69
CA PRO A 22 11.52 -22.38 5.02
C PRO A 22 11.04 -21.22 5.90
N VAL A 23 11.62 -20.06 5.65
CA VAL A 23 11.17 -18.78 6.21
C VAL A 23 10.92 -17.87 5.02
N ILE A 24 9.69 -17.41 4.86
CA ILE A 24 9.29 -16.53 3.73
C ILE A 24 9.21 -15.11 4.26
N GLY A 25 9.15 -14.16 3.33
CA GLY A 25 9.09 -12.73 3.65
C GLY A 25 7.77 -12.18 3.12
N ILE A 26 6.98 -11.49 3.96
CA ILE A 26 5.66 -10.94 3.54
C ILE A 26 5.60 -9.47 3.91
N ASP A 27 5.32 -8.63 2.91
CA ASP A 27 4.97 -7.22 3.07
C ASP A 27 3.44 -7.21 3.25
N LEU A 28 2.96 -6.99 4.47
CA LEU A 28 1.52 -6.84 4.75
C LEU A 28 1.19 -5.35 4.72
N GLY A 29 0.84 -4.85 3.53
CA GLY A 29 0.68 -3.41 3.28
C GLY A 29 -0.73 -2.99 3.71
N THR A 30 -1.04 -1.73 3.58
CA THR A 30 -2.42 -1.22 3.81
C THR A 30 -3.31 -1.72 2.69
N THR A 31 -2.93 -1.46 1.44
CA THR A 31 -3.79 -1.75 0.27
C THR A 31 -3.46 -3.10 -0.41
N TYR A 32 -2.27 -3.66 -0.13
N TYR A 32 -2.31 -3.70 -0.09
CA TYR A 32 -1.81 -4.91 -0.77
CA TYR A 32 -1.76 -4.84 -0.87
C TYR A 32 -0.87 -5.68 0.12
C TYR A 32 -0.83 -5.66 0.02
N SER A 33 -0.61 -6.90 -0.30
N SER A 33 -0.63 -6.92 -0.36
CA SER A 33 0.47 -7.72 0.28
CA SER A 33 0.41 -7.78 0.26
C SER A 33 1.34 -8.21 -0.88
C SER A 33 1.26 -8.41 -0.83
N CYS A 34 2.51 -8.69 -0.50
CA CYS A 34 3.51 -9.17 -1.47
C CYS A 34 4.33 -10.21 -0.76
N VAL A 35 4.63 -11.34 -1.41
CA VAL A 35 5.35 -12.44 -0.74
C VAL A 35 6.61 -12.78 -1.58
N GLY A 36 7.73 -12.91 -0.89
CA GLY A 36 9.00 -13.36 -1.46
C GLY A 36 9.58 -14.55 -0.71
N VAL A 37 10.34 -15.37 -1.42
CA VAL A 37 11.10 -16.51 -0.85
C VAL A 37 12.59 -16.21 -1.14
N PHE A 38 13.48 -16.79 -0.35
CA PHE A 38 14.94 -16.73 -0.58
C PHE A 38 15.37 -18.18 -0.89
N LYS A 39 15.76 -18.42 -2.12
CA LYS A 39 15.98 -19.79 -2.62
C LYS A 39 17.19 -19.77 -3.54
N ASN A 40 18.15 -20.67 -3.32
CA ASN A 40 19.38 -20.74 -4.17
C ASN A 40 20.04 -19.37 -4.30
N GLY A 41 20.14 -18.63 -3.19
CA GLY A 41 20.79 -17.32 -3.07
C GLY A 41 20.09 -16.20 -3.81
N ARG A 42 18.82 -16.37 -4.21
CA ARG A 42 18.11 -15.23 -4.85
C ARG A 42 16.72 -15.10 -4.25
N VAL A 43 16.29 -13.86 -4.13
CA VAL A 43 14.88 -13.55 -3.76
C VAL A 43 13.99 -13.73 -4.96
N GLU A 44 12.87 -14.42 -4.79
CA GLU A 44 11.84 -14.55 -5.83
C GLU A 44 10.55 -13.99 -5.24
N ILE A 45 10.10 -12.92 -5.83
CA ILE A 45 8.77 -12.33 -5.49
C ILE A 45 7.78 -13.16 -6.29
N LEU A 46 6.79 -13.73 -5.63
CA LEU A 46 5.93 -14.76 -6.25
C LEU A 46 4.62 -14.18 -6.78
N ASN A 47 4.17 -14.70 -7.91
CA ASN A 47 2.87 -14.39 -8.56
C ASN A 47 1.76 -15.08 -7.79
N ASN A 48 0.63 -14.41 -7.66
CA ASN A 48 -0.61 -15.05 -7.14
C ASN A 48 -1.17 -15.89 -8.29
N GLU A 49 -2.31 -16.50 -8.04
CA GLU A 49 -2.97 -17.45 -8.95
C GLU A 49 -3.41 -16.68 -10.21
N LEU A 50 -3.53 -15.33 -10.20
CA LEU A 50 -3.87 -14.47 -11.37
C LEU A 50 -2.63 -13.91 -12.09
N GLY A 51 -1.42 -14.24 -11.63
CA GLY A 51 -0.18 -13.81 -12.31
C GLY A 51 0.34 -12.46 -11.87
N ASN A 52 -0.05 -11.98 -10.67
CA ASN A 52 0.32 -10.63 -10.18
C ASN A 52 1.24 -10.80 -8.97
N ARG A 53 2.24 -9.94 -8.86
CA ARG A 53 3.19 -9.99 -7.75
C ARG A 53 2.68 -9.18 -6.58
N ILE A 54 1.64 -8.38 -6.77
CA ILE A 54 0.97 -7.64 -5.68
C ILE A 54 -0.45 -8.21 -5.56
N THR A 55 -0.94 -8.49 -4.35
CA THR A 55 -2.33 -8.98 -4.14
C THR A 55 -3.08 -7.93 -3.33
N PRO A 56 -4.22 -7.42 -3.80
CA PRO A 56 -4.97 -6.45 -3.00
C PRO A 56 -5.44 -7.06 -1.68
N SER A 57 -5.34 -6.31 -0.58
CA SER A 57 -5.62 -6.82 0.77
C SER A 57 -7.12 -6.69 0.99
N TYR A 58 -7.89 -7.41 0.17
CA TYR A 58 -9.38 -7.40 0.25
C TYR A 58 -9.86 -8.79 0.59
N VAL A 59 -10.94 -8.84 1.39
CA VAL A 59 -11.63 -10.11 1.67
C VAL A 59 -13.14 -9.84 1.58
N SER A 60 -13.85 -10.61 0.76
CA SER A 60 -15.30 -10.44 0.50
C SER A 60 -16.09 -11.61 1.08
N PHE A 61 -17.25 -11.25 1.64
CA PHE A 61 -18.18 -12.21 2.27
C PHE A 61 -19.56 -12.06 1.61
N VAL A 62 -19.69 -12.56 0.38
CA VAL A 62 -20.89 -12.38 -0.47
C VAL A 62 -21.51 -13.76 -0.75
N ASP A 63 -22.82 -13.94 -0.52
CA ASP A 63 -23.59 -15.14 -1.01
C ASP A 63 -22.94 -16.44 -0.54
N GLY A 64 -22.48 -16.52 0.71
CA GLY A 64 -21.93 -17.78 1.25
C GLY A 64 -20.54 -18.13 0.71
N GLU A 65 -19.84 -17.22 0.01
CA GLU A 65 -18.45 -17.51 -0.46
C GLU A 65 -17.51 -16.48 0.14
N ARG A 66 -16.29 -16.87 0.41
CA ARG A 66 -15.27 -15.92 0.92
C ARG A 66 -14.19 -15.82 -0.16
N LYS A 67 -13.86 -14.62 -0.61
CA LYS A 67 -12.79 -14.44 -1.62
C LYS A 67 -11.71 -13.61 -0.96
N VAL A 68 -10.47 -13.75 -1.44
CA VAL A 68 -9.31 -12.97 -0.92
C VAL A 68 -8.55 -12.48 -2.15
N GLY A 69 -8.25 -11.20 -2.19
CA GLY A 69 -7.44 -10.60 -3.25
C GLY A 69 -8.25 -9.94 -4.32
N GLU A 70 -7.78 -10.02 -5.58
CA GLU A 70 -8.44 -9.24 -6.64
C GLU A 70 -9.91 -9.60 -6.76
N ALA A 71 -10.24 -10.88 -6.62
CA ALA A 71 -11.63 -11.34 -6.79
C ALA A 71 -12.53 -10.70 -5.72
N ALA A 72 -12.01 -10.53 -4.52
CA ALA A 72 -12.75 -9.84 -3.41
C ALA A 72 -12.88 -8.36 -3.77
N LYS A 73 -11.82 -7.71 -4.26
CA LYS A 73 -11.88 -6.28 -4.57
C LYS A 73 -12.95 -6.01 -5.62
N LEU A 74 -13.12 -6.92 -6.57
CA LEU A 74 -14.15 -6.74 -7.63
C LEU A 74 -15.56 -6.78 -7.00
N GLU A 75 -15.74 -7.44 -5.85
CA GLU A 75 -17.06 -7.41 -5.16
C GLU A 75 -17.40 -6.05 -4.56
N ALA A 76 -16.47 -5.10 -4.40
CA ALA A 76 -16.70 -3.87 -3.62
C ALA A 76 -17.79 -3.03 -4.30
N THR A 77 -17.83 -3.03 -5.62
CA THR A 77 -18.75 -2.12 -6.35
C THR A 77 -20.20 -2.46 -6.00
N LEU A 78 -20.56 -3.73 -6.06
CA LEU A 78 -21.96 -4.14 -5.89
C LEU A 78 -22.21 -4.61 -4.45
N HIS A 79 -21.16 -4.93 -3.68
CA HIS A 79 -21.33 -5.39 -2.28
C HIS A 79 -20.40 -4.63 -1.34
N PRO A 80 -20.52 -3.28 -1.23
CA PRO A 80 -19.55 -2.48 -0.48
C PRO A 80 -19.57 -2.82 1.02
N THR A 81 -20.72 -3.24 1.59
CA THR A 81 -20.75 -3.51 3.05
C THR A 81 -20.09 -4.88 3.35
N GLN A 82 -19.89 -5.75 2.37
CA GLN A 82 -19.45 -7.14 2.54
C GLN A 82 -17.99 -7.30 2.11
N THR A 83 -17.37 -6.18 1.69
CA THR A 83 -16.04 -6.26 1.05
C THR A 83 -15.08 -5.51 1.96
N VAL A 84 -14.25 -6.25 2.66
CA VAL A 84 -13.43 -5.74 3.77
C VAL A 84 -12.04 -5.42 3.19
N PHE A 85 -11.52 -4.30 3.61
CA PHE A 85 -10.18 -3.85 3.16
C PHE A 85 -9.65 -2.86 4.18
N ASP A 86 -8.38 -2.49 3.98
CA ASP A 86 -7.70 -1.46 4.80
C ASP A 86 -7.74 -1.84 6.29
N VAL A 87 -7.74 -3.12 6.60
N VAL A 87 -7.75 -3.13 6.64
CA VAL A 87 -7.87 -3.55 8.01
CA VAL A 87 -7.89 -3.52 8.08
C VAL A 87 -6.61 -3.13 8.78
C VAL A 87 -6.56 -3.27 8.81
N LYS A 88 -5.48 -2.96 8.09
CA LYS A 88 -4.23 -2.52 8.75
C LYS A 88 -4.41 -1.18 9.46
N ARG A 89 -5.38 -0.37 9.02
CA ARG A 89 -5.73 0.90 9.67
C ARG A 89 -6.32 0.64 11.06
N LEU A 90 -6.90 -0.53 11.30
CA LEU A 90 -7.59 -0.80 12.59
C LEU A 90 -6.73 -1.65 13.50
N ILE A 91 -5.85 -2.48 12.95
CA ILE A 91 -5.24 -3.59 13.72
C ILE A 91 -4.47 -3.03 14.93
N GLY A 92 -4.71 -3.64 16.09
CA GLY A 92 -4.12 -3.23 17.38
C GLY A 92 -4.53 -1.86 17.89
N ARG A 93 -5.53 -1.19 17.32
CA ARG A 93 -5.98 0.12 17.82
C ARG A 93 -7.21 -0.04 18.74
N LYS A 94 -7.65 1.08 19.27
CA LYS A 94 -8.86 1.17 20.12
C LYS A 94 -9.97 1.83 19.31
N PHE A 95 -11.22 1.44 19.58
CA PHE A 95 -12.38 1.94 18.83
C PHE A 95 -12.46 3.46 18.90
N ASP A 96 -12.14 4.08 20.05
CA ASP A 96 -12.29 5.54 20.27
C ASP A 96 -11.03 6.32 19.87
N ASP A 97 -9.97 5.66 19.39
CA ASP A 97 -8.80 6.41 18.86
C ASP A 97 -9.28 7.35 17.76
N GLN A 98 -8.79 8.59 17.76
CA GLN A 98 -9.12 9.63 16.74
C GLN A 98 -9.01 9.02 15.33
N GLU A 99 -7.92 8.30 15.09
CA GLU A 99 -7.67 7.73 13.72
C GLU A 99 -8.77 6.72 13.37
N VAL A 100 -9.24 5.92 14.34
CA VAL A 100 -10.20 4.83 14.05
C VAL A 100 -11.58 5.46 13.85
N VAL A 101 -11.90 6.49 14.62
CA VAL A 101 -13.16 7.26 14.43
C VAL A 101 -13.20 7.78 13.00
N LYS A 102 -12.10 8.32 12.46
CA LYS A 102 -12.05 8.87 11.10
C LYS A 102 -12.23 7.72 10.09
N ASP A 103 -11.54 6.60 10.30
CA ASP A 103 -11.62 5.43 9.38
C ASP A 103 -13.05 4.87 9.39
N ARG A 104 -13.71 4.78 10.55
CA ARG A 104 -15.13 4.30 10.57
C ARG A 104 -15.99 5.20 9.70
N SER A 105 -15.79 6.52 9.69
CA SER A 105 -16.61 7.42 8.84
C SER A 105 -16.26 7.26 7.36
N LEU A 106 -15.09 6.74 7.02
CA LEU A 106 -14.66 6.56 5.61
C LEU A 106 -14.99 5.16 5.07
N LEU A 107 -14.95 4.11 5.88
CA LEU A 107 -15.02 2.72 5.43
C LEU A 107 -16.48 2.26 5.35
N PRO A 108 -16.86 1.52 4.31
CA PRO A 108 -18.29 1.21 4.10
C PRO A 108 -18.82 -0.05 4.82
N TYR A 109 -17.91 -0.88 5.31
CA TYR A 109 -18.28 -2.09 6.06
C TYR A 109 -18.41 -1.70 7.52
N GLU A 110 -19.26 -2.43 8.25
CA GLU A 110 -19.57 -2.04 9.64
C GLU A 110 -18.38 -2.33 10.56
N ILE A 111 -18.02 -1.35 11.40
CA ILE A 111 -17.00 -1.51 12.46
C ILE A 111 -17.70 -1.31 13.81
N VAL A 112 -17.56 -2.30 14.66
CA VAL A 112 -18.21 -2.35 16.00
C VAL A 112 -17.16 -2.28 17.10
N ASN A 113 -17.65 -1.87 18.26
CA ASN A 113 -16.85 -1.73 19.49
C ASN A 113 -16.97 -3.03 20.26
N ASN A 114 -15.90 -3.81 20.27
CA ASN A 114 -15.83 -5.07 21.03
C ASN A 114 -14.87 -4.84 22.17
N GLN A 115 -15.40 -4.56 23.36
CA GLN A 115 -14.58 -4.35 24.59
C GLN A 115 -13.46 -3.32 24.29
N GLY A 116 -13.81 -2.26 23.60
CA GLY A 116 -12.97 -1.07 23.39
C GLY A 116 -12.13 -1.18 22.12
N LYS A 117 -12.24 -2.30 21.41
CA LYS A 117 -11.42 -2.51 20.18
C LYS A 117 -12.31 -2.65 18.94
N PRO A 118 -11.84 -2.14 17.78
CA PRO A 118 -12.61 -2.18 16.56
C PRO A 118 -12.66 -3.62 16.08
N ASN A 119 -13.84 -4.07 15.73
CA ASN A 119 -14.03 -5.34 15.03
C ASN A 119 -14.89 -5.09 13.78
N ILE A 120 -14.82 -6.02 12.86
CA ILE A 120 -15.49 -5.91 11.54
C ILE A 120 -16.73 -6.79 11.56
N LYS A 121 -17.87 -6.24 11.16
CA LYS A 121 -19.11 -7.00 11.14
C LYS A 121 -19.62 -7.11 9.70
N VAL A 122 -19.83 -8.35 9.25
CA VAL A 122 -20.32 -8.72 7.91
C VAL A 122 -21.41 -9.77 8.07
N GLN A 123 -22.03 -10.13 6.96
CA GLN A 123 -22.98 -11.26 6.95
C GLN A 123 -22.38 -12.41 6.18
N ILE A 124 -22.55 -13.62 6.69
CA ILE A 124 -22.23 -14.85 5.94
C ILE A 124 -23.51 -15.68 5.84
N LYS A 125 -24.07 -15.85 4.66
CA LYS A 125 -25.43 -16.50 4.49
C LYS A 125 -26.43 -15.78 5.42
N ASP A 126 -26.39 -14.45 5.44
CA ASP A 126 -27.34 -13.57 6.18
C ASP A 126 -27.03 -13.49 7.68
N LYS A 127 -26.11 -14.29 8.20
CA LYS A 127 -25.78 -14.31 9.63
C LYS A 127 -24.73 -13.24 9.95
N ASP A 128 -25.00 -12.46 10.97
CA ASP A 128 -24.03 -11.47 11.48
C ASP A 128 -22.80 -12.20 12.00
N THR A 129 -21.63 -11.77 11.54
CA THR A 129 -20.36 -12.44 11.86
C THR A 129 -19.38 -11.32 12.15
N THR A 130 -18.69 -11.40 13.29
N THR A 130 -18.74 -11.38 13.31
CA THR A 130 -17.78 -10.33 13.76
CA THR A 130 -17.75 -10.38 13.70
C THR A 130 -16.33 -10.87 13.85
C THR A 130 -16.36 -11.02 13.60
N PHE A 131 -15.40 -10.18 13.19
CA PHE A 131 -13.98 -10.54 13.09
C PHE A 131 -13.12 -9.45 13.73
N ALA A 132 -12.10 -9.89 14.45
CA ALA A 132 -10.98 -9.02 14.83
C ALA A 132 -10.22 -8.68 13.56
N PRO A 133 -9.59 -7.51 13.49
CA PRO A 133 -8.70 -7.18 12.37
C PRO A 133 -7.70 -8.29 12.06
N GLU A 134 -7.13 -8.90 13.09
CA GLU A 134 -6.08 -9.91 12.86
C GLU A 134 -6.68 -11.17 12.23
N GLN A 135 -7.97 -11.46 12.41
CA GLN A 135 -8.62 -12.57 11.71
C GLN A 135 -8.69 -12.26 10.21
N ILE A 136 -8.96 -11.03 9.81
CA ILE A 136 -9.01 -10.67 8.37
C ILE A 136 -7.58 -10.67 7.81
N SER A 137 -6.64 -10.05 8.50
CA SER A 137 -5.22 -10.07 8.09
C SER A 137 -4.71 -11.50 7.99
N ALA A 138 -5.15 -12.41 8.87
CA ALA A 138 -4.75 -13.83 8.79
C ALA A 138 -5.17 -14.39 7.43
N MET A 139 -6.34 -14.01 6.92
CA MET A 139 -6.84 -14.59 5.66
C MET A 139 -5.90 -14.16 4.51
N VAL A 140 -5.43 -12.93 4.59
CA VAL A 140 -4.43 -12.38 3.61
C VAL A 140 -3.14 -13.18 3.76
N LEU A 141 -2.69 -13.37 4.99
CA LEU A 141 -1.42 -14.10 5.25
C LEU A 141 -1.56 -15.54 4.79
N GLU A 142 -2.74 -16.16 4.95
CA GLU A 142 -2.92 -17.58 4.55
C GLU A 142 -2.72 -17.65 3.04
N LYS A 143 -3.26 -16.68 2.30
CA LYS A 143 -3.18 -16.67 0.82
C LYS A 143 -1.70 -16.53 0.42
N MET A 144 -0.96 -15.68 1.10
CA MET A 144 0.49 -15.51 0.79
C MET A 144 1.23 -16.81 1.12
N LYS A 145 0.89 -17.47 2.22
CA LYS A 145 1.49 -18.75 2.66
C LYS A 145 1.30 -19.79 1.56
N GLU A 146 0.07 -19.88 1.06
CA GLU A 146 -0.32 -20.88 0.04
C GLU A 146 0.46 -20.62 -1.25
N ILE A 147 0.66 -19.34 -1.64
CA ILE A 147 1.46 -19.04 -2.86
C ILE A 147 2.86 -19.62 -2.66
N ALA A 148 3.44 -19.38 -1.48
CA ALA A 148 4.82 -19.81 -1.16
C ALA A 148 4.91 -21.34 -1.14
N GLN A 149 3.93 -21.99 -0.52
CA GLN A 149 3.88 -23.48 -0.37
C GLN A 149 3.82 -24.13 -1.74
N SER A 150 3.01 -23.60 -2.66
CA SER A 150 2.86 -24.16 -4.01
C SER A 150 4.18 -24.00 -4.75
N PHE A 151 4.84 -22.87 -4.59
CA PHE A 151 6.11 -22.55 -5.31
C PHE A 151 7.25 -23.40 -4.74
N LEU A 152 7.36 -23.52 -3.41
CA LEU A 152 8.48 -24.24 -2.76
C LEU A 152 8.21 -25.76 -2.79
N GLY A 153 6.96 -26.17 -3.09
CA GLY A 153 6.49 -27.56 -2.98
C GLY A 153 6.68 -28.14 -1.59
N LYS A 154 6.55 -27.32 -0.55
CA LYS A 154 6.63 -27.83 0.84
C LYS A 154 5.92 -26.89 1.79
N PRO A 155 5.53 -27.39 2.98
CA PRO A 155 4.79 -26.57 3.94
C PRO A 155 5.66 -25.42 4.48
N VAL A 156 5.01 -24.29 4.75
CA VAL A 156 5.64 -23.08 5.33
C VAL A 156 5.01 -22.80 6.68
N LYS A 157 5.82 -22.66 7.73
CA LYS A 157 5.33 -22.43 9.11
C LYS A 157 5.93 -21.16 9.67
N ASN A 158 6.82 -20.46 8.93
CA ASN A 158 7.62 -19.37 9.51
C ASN A 158 7.74 -18.25 8.48
N ALA A 159 7.71 -17.02 8.97
CA ALA A 159 7.75 -15.83 8.11
C ALA A 159 8.44 -14.70 8.86
N VAL A 160 9.01 -13.81 8.05
CA VAL A 160 9.33 -12.43 8.40
C VAL A 160 8.21 -11.58 7.84
N VAL A 161 7.67 -10.71 8.66
CA VAL A 161 6.53 -9.85 8.24
C VAL A 161 6.88 -8.42 8.61
N THR A 162 6.56 -7.50 7.72
CA THR A 162 6.88 -6.10 7.84
C THR A 162 5.75 -5.35 8.55
N VAL A 163 6.14 -4.34 9.30
CA VAL A 163 5.22 -3.35 9.88
C VAL A 163 5.74 -1.96 9.61
N PRO A 164 4.87 -0.93 9.68
CA PRO A 164 5.32 0.46 9.69
C PRO A 164 6.15 0.78 10.93
N ALA A 165 7.17 1.61 10.76
CA ALA A 165 8.10 1.99 11.84
C ALA A 165 7.29 2.58 13.02
N TYR A 166 6.17 3.22 12.74
CA TYR A 166 5.35 3.88 13.79
C TYR A 166 4.49 2.87 14.56
N PHE A 167 4.38 1.62 14.15
CA PHE A 167 3.56 0.59 14.85
C PHE A 167 4.04 0.46 16.31
N ASN A 168 3.09 0.53 17.24
CA ASN A 168 3.37 0.28 18.69
C ASN A 168 3.34 -1.21 18.99
N ASP A 169 3.58 -1.61 20.26
CA ASP A 169 3.67 -3.03 20.61
C ASP A 169 2.33 -3.74 20.36
N ALA A 170 1.20 -3.07 20.60
CA ALA A 170 -0.13 -3.69 20.43
C ALA A 170 -0.36 -3.99 18.94
N GLN A 171 0.06 -3.09 18.09
CA GLN A 171 -0.09 -3.23 16.60
C GLN A 171 0.85 -4.34 16.12
N ARG A 172 2.07 -4.41 16.63
CA ARG A 172 3.00 -5.50 16.28
C ARG A 172 2.49 -6.82 16.80
N GLN A 173 1.97 -6.87 18.04
CA GLN A 173 1.47 -8.14 18.60
C GLN A 173 0.25 -8.64 17.79
N ALA A 174 -0.66 -7.73 17.41
CA ALA A 174 -1.87 -8.09 16.67
C ALA A 174 -1.47 -8.65 15.30
N THR A 175 -0.38 -8.14 14.73
CA THR A 175 0.17 -8.64 13.45
C THR A 175 0.74 -10.04 13.70
N LYS A 176 1.51 -10.26 14.76
CA LYS A 176 2.00 -11.60 15.09
C LYS A 176 0.83 -12.56 15.26
N ASP A 177 -0.24 -12.10 15.92
CA ASP A 177 -1.45 -12.92 16.17
C ASP A 177 -2.13 -13.26 14.86
N ALA A 178 -2.16 -12.34 13.88
CA ALA A 178 -2.61 -12.66 12.50
C ALA A 178 -1.79 -13.81 11.94
N GLY A 179 -0.46 -13.78 12.11
CA GLY A 179 0.42 -14.88 11.67
C GLY A 179 0.02 -16.21 12.32
N THR A 180 -0.12 -16.22 13.65
CA THR A 180 -0.47 -17.46 14.39
C THR A 180 -1.80 -18.05 13.88
N ILE A 181 -2.81 -17.21 13.62
CA ILE A 181 -4.10 -17.70 13.06
C ILE A 181 -3.86 -18.34 11.68
N ALA A 182 -3.00 -17.74 10.86
CA ALA A 182 -2.70 -18.23 9.50
C ALA A 182 -1.75 -19.43 9.54
N GLY A 183 -1.33 -19.86 10.71
CA GLY A 183 -0.40 -21.00 10.86
C GLY A 183 1.03 -20.58 10.51
N LEU A 184 1.36 -19.31 10.69
CA LEU A 184 2.73 -18.74 10.48
C LEU A 184 3.28 -18.29 11.82
N ASN A 185 4.40 -18.85 12.23
CA ASN A 185 5.15 -18.26 13.35
C ASN A 185 5.90 -17.07 12.75
N ILE A 186 5.61 -15.85 13.19
CA ILE A 186 6.37 -14.66 12.71
C ILE A 186 7.65 -14.59 13.53
N VAL A 187 8.72 -15.11 12.95
CA VAL A 187 10.02 -15.28 13.66
C VAL A 187 10.68 -13.91 13.85
N ARG A 188 10.32 -12.91 13.05
CA ARG A 188 10.84 -11.53 13.14
C ARG A 188 9.87 -10.56 12.47
N ILE A 189 9.56 -9.50 13.19
CA ILE A 189 8.86 -8.31 12.67
C ILE A 189 9.98 -7.33 12.32
N ILE A 190 10.01 -6.85 11.08
CA ILE A 190 10.99 -5.77 10.74
C ILE A 190 10.21 -4.58 10.27
N ASN A 191 10.72 -3.39 10.53
CA ASN A 191 9.97 -2.21 10.08
C ASN A 191 10.18 -2.01 8.58
N GLU A 192 9.24 -1.34 7.93
CA GLU A 192 9.25 -1.13 6.45
C GLU A 192 10.51 -0.37 6.04
N PRO A 193 11.01 0.69 6.72
CA PRO A 193 12.26 1.32 6.28
C PRO A 193 13.49 0.40 6.25
N THR A 194 13.65 -0.43 7.28
CA THR A 194 14.73 -1.45 7.35
C THR A 194 14.59 -2.45 6.19
N ALA A 195 13.39 -2.91 5.87
CA ALA A 195 13.12 -3.85 4.76
C ALA A 195 13.58 -3.19 3.46
N ALA A 196 13.20 -1.94 3.23
CA ALA A 196 13.65 -1.18 2.03
C ALA A 196 15.17 -1.13 2.02
N ALA A 197 15.83 -0.79 3.13
CA ALA A 197 17.31 -0.64 3.19
C ALA A 197 17.98 -1.98 2.85
N LEU A 198 17.39 -3.08 3.29
CA LEU A 198 17.97 -4.42 2.96
C LEU A 198 17.82 -4.65 1.46
N ALA A 199 16.66 -4.31 0.89
CA ALA A 199 16.34 -4.60 -0.52
C ALA A 199 17.32 -3.85 -1.42
N TYR A 200 17.54 -2.58 -1.13
CA TYR A 200 18.46 -1.72 -1.93
C TYR A 200 19.90 -2.00 -1.57
N GLY A 201 20.12 -2.84 -0.56
CA GLY A 201 21.42 -3.37 -0.22
C GLY A 201 22.31 -2.31 0.36
N LEU A 202 21.75 -1.29 1.07
CA LEU A 202 22.51 -0.10 1.54
C LEU A 202 23.70 -0.64 2.32
N ASP A 203 24.91 -0.11 2.10
CA ASP A 203 26.14 -0.62 2.78
C ASP A 203 25.93 -0.50 4.30
N LYS A 204 26.16 -1.60 5.00
CA LYS A 204 25.93 -1.73 6.46
C LYS A 204 27.14 -1.21 7.22
N LYS A 205 28.30 -1.11 6.55
CA LYS A 205 29.58 -0.67 7.19
C LYS A 205 29.51 0.85 7.42
N GLU A 206 30.17 1.31 8.49
N GLU A 206 30.17 1.32 8.48
CA GLU A 206 30.24 2.75 8.86
CA GLU A 206 30.25 2.76 8.83
C GLU A 206 28.82 3.26 9.12
C GLU A 206 28.83 3.25 9.12
N GLU A 207 28.63 4.58 9.13
CA GLU A 207 27.34 5.23 9.45
C GLU A 207 26.73 5.92 8.20
N THR A 208 25.47 5.58 7.86
CA THR A 208 24.70 6.14 6.71
C THR A 208 23.32 6.62 7.23
N SER A 209 22.88 7.89 6.96
CA SER A 209 21.48 8.37 7.22
C SER A 209 20.67 8.37 5.92
N ILE A 210 19.52 7.70 5.93
CA ILE A 210 18.72 7.41 4.73
C ILE A 210 17.34 8.04 4.95
N LEU A 211 16.83 8.75 3.95
CA LEU A 211 15.40 9.17 3.98
C LEU A 211 14.62 8.14 3.18
N VAL A 212 13.71 7.41 3.83
CA VAL A 212 12.90 6.40 3.14
C VAL A 212 11.54 7.07 2.92
N TYR A 213 11.21 7.34 1.66
CA TYR A 213 9.98 8.06 1.24
C TYR A 213 9.11 7.02 0.58
N ASP A 214 8.01 6.68 1.22
CA ASP A 214 7.19 5.50 0.86
C ASP A 214 5.80 5.98 0.50
N LEU A 215 5.51 6.10 -0.78
CA LEU A 215 4.18 6.65 -1.20
C LEU A 215 3.45 5.50 -1.89
N GLY A 216 2.43 4.95 -1.23
CA GLY A 216 1.76 3.77 -1.76
C GLY A 216 0.43 4.12 -2.38
N GLY A 217 -0.50 3.17 -2.34
CA GLY A 217 -1.84 3.38 -2.94
C GLY A 217 -2.73 4.19 -2.00
N GLY A 218 -2.57 3.99 -0.71
CA GLY A 218 -3.47 4.65 0.26
C GLY A 218 -2.77 5.52 1.27
N THR A 219 -1.48 5.29 1.52
CA THR A 219 -0.77 5.91 2.66
C THR A 219 0.58 6.47 2.22
N PHE A 220 1.07 7.43 2.97
CA PHE A 220 2.37 8.08 2.74
C PHE A 220 3.13 8.00 4.05
N ASP A 221 4.32 7.43 4.01
CA ASP A 221 5.17 7.38 5.23
C ASP A 221 6.56 7.86 4.87
N VAL A 222 7.18 8.65 5.75
CA VAL A 222 8.61 8.97 5.54
C VAL A 222 9.34 8.77 6.86
N SER A 223 10.54 8.21 6.77
CA SER A 223 11.35 7.88 7.95
C SER A 223 12.78 8.34 7.69
N ILE A 224 13.50 8.67 8.76
CA ILE A 224 14.97 8.81 8.73
C ILE A 224 15.50 7.52 9.35
N LEU A 225 16.18 6.73 8.55
CA LEU A 225 16.81 5.48 8.95
C LEU A 225 18.32 5.69 9.07
N VAL A 226 18.88 5.37 10.23
CA VAL A 226 20.37 5.43 10.39
C VAL A 226 20.87 4.01 10.43
N ILE A 227 21.90 3.69 9.60
CA ILE A 227 22.56 2.39 9.53
C ILE A 227 23.96 2.62 10.12
N ASP A 228 24.31 1.89 11.14
CA ASP A 228 25.57 2.14 11.88
C ASP A 228 26.21 0.78 12.08
N ASN A 229 27.20 0.43 11.25
CA ASN A 229 27.91 -0.86 11.40
C ASN A 229 26.90 -2.00 11.54
N GLY A 230 25.88 -2.07 10.69
CA GLY A 230 24.99 -3.26 10.61
C GLY A 230 23.74 -3.10 11.47
N VAL A 231 23.70 -2.07 12.28
CA VAL A 231 22.57 -1.82 13.21
C VAL A 231 21.70 -0.73 12.58
N PHE A 232 20.42 -1.04 12.46
CA PHE A 232 19.44 -0.16 11.80
C PHE A 232 18.57 0.46 12.88
N GLU A 233 18.39 1.77 12.81
CA GLU A 233 17.55 2.51 13.79
C GLU A 233 16.75 3.55 13.03
N VAL A 234 15.45 3.57 13.22
CA VAL A 234 14.63 4.67 12.65
C VAL A 234 14.58 5.82 13.66
N TYR A 235 15.23 6.94 13.34
CA TYR A 235 15.40 8.12 14.24
C TYR A 235 14.11 8.96 14.25
N ALA A 236 13.29 8.86 13.21
CA ALA A 236 12.10 9.72 13.17
C ALA A 236 11.18 9.21 12.09
N THR A 237 9.89 9.39 12.30
N THR A 237 9.89 9.37 12.33
CA THR A 237 8.88 8.97 11.29
CA THR A 237 8.81 8.96 11.40
C THR A 237 7.72 9.94 11.29
C THR A 237 7.76 10.06 11.27
N ALA A 238 7.13 10.14 10.11
CA ALA A 238 5.96 11.03 9.92
C ALA A 238 5.25 10.57 8.66
N GLY A 239 4.04 11.06 8.46
CA GLY A 239 3.39 10.66 7.20
C GLY A 239 2.04 11.28 7.08
N ASN A 240 1.25 10.69 6.21
CA ASN A 240 -0.14 11.13 5.97
C ASN A 240 -0.92 9.85 5.70
N THR A 241 -1.84 9.51 6.59
CA THR A 241 -2.48 8.18 6.55
C THR A 241 -3.48 8.12 5.39
N HIS A 242 -3.87 9.25 4.80
CA HIS A 242 -4.90 9.27 3.73
C HIS A 242 -4.38 10.03 2.51
N LEU A 243 -3.22 9.65 2.01
CA LEU A 243 -2.57 10.31 0.85
C LEU A 243 -1.82 9.21 0.12
N GLY A 244 -2.32 8.82 -1.04
CA GLY A 244 -1.64 7.84 -1.90
C GLY A 244 -2.11 7.89 -3.33
N GLY A 245 -1.69 6.90 -4.12
CA GLY A 245 -2.03 6.85 -5.56
C GLY A 245 -3.55 6.87 -5.78
N GLU A 246 -4.32 6.24 -4.88
CA GLU A 246 -5.81 6.18 -5.02
C GLU A 246 -6.35 7.63 -5.01
N ASP A 247 -5.77 8.51 -4.22
CA ASP A 247 -6.21 9.92 -4.15
C ASP A 247 -5.94 10.66 -5.48
N PHE A 248 -4.81 10.38 -6.13
CA PHE A 248 -4.46 10.98 -7.44
C PHE A 248 -5.47 10.48 -8.48
N ASP A 249 -5.82 9.20 -8.44
CA ASP A 249 -6.87 8.66 -9.35
C ASP A 249 -8.18 9.39 -9.09
N GLN A 250 -8.57 9.54 -7.83
CA GLN A 250 -9.85 10.20 -7.50
C GLN A 250 -9.87 11.64 -8.06
N ARG A 251 -8.77 12.39 -8.00
CA ARG A 251 -8.72 13.76 -8.55
C ARG A 251 -9.03 13.72 -10.05
N VAL A 252 -8.51 12.71 -10.75
CA VAL A 252 -8.76 12.55 -12.20
C VAL A 252 -10.22 12.19 -12.44
N MET A 253 -10.74 11.26 -11.63
N MET A 253 -10.77 11.28 -11.65
CA MET A 253 -12.14 10.77 -11.69
CA MET A 253 -12.16 10.85 -11.86
C MET A 253 -13.04 12.00 -11.57
C MET A 253 -13.07 12.04 -11.59
N ASP A 254 -12.77 12.82 -10.56
CA ASP A 254 -13.61 14.01 -10.27
C ASP A 254 -13.69 14.91 -11.48
N TYR A 255 -12.56 15.17 -12.11
CA TYR A 255 -12.47 16.06 -13.27
C TYR A 255 -13.28 15.49 -14.45
N PHE A 256 -13.07 14.22 -14.78
CA PHE A 256 -13.73 13.65 -15.99
C PHE A 256 -15.22 13.45 -15.71
N ILE A 257 -15.62 13.20 -14.48
CA ILE A 257 -17.07 13.12 -14.14
C ILE A 257 -17.70 14.50 -14.37
N LYS A 258 -17.06 15.58 -13.93
CA LYS A 258 -17.58 16.94 -14.22
C LYS A 258 -17.66 17.17 -15.73
N MET A 259 -16.63 16.76 -16.48
N MET A 259 -16.62 16.77 -16.48
CA MET A 259 -16.57 17.05 -17.93
CA MET A 259 -16.57 17.04 -17.95
C MET A 259 -17.67 16.25 -18.64
C MET A 259 -17.68 16.25 -18.63
N PHE A 260 -17.88 14.99 -18.27
CA PHE A 260 -18.84 14.12 -18.97
C PHE A 260 -20.25 14.68 -18.76
N LYS A 261 -20.50 15.18 -17.56
CA LYS A 261 -21.77 15.86 -17.19
C LYS A 261 -21.95 17.12 -18.05
N LYS A 262 -20.92 17.97 -18.14
CA LYS A 262 -21.04 19.19 -18.95
C LYS A 262 -21.35 18.85 -20.40
N LYS A 263 -20.73 17.82 -20.96
CA LYS A 263 -20.85 17.54 -22.39
C LYS A 263 -22.09 16.70 -22.70
N ASN A 264 -22.46 15.77 -21.82
CA ASN A 264 -23.43 14.72 -22.19
C ASN A 264 -24.69 14.75 -21.32
N ASN A 265 -24.73 15.57 -20.28
CA ASN A 265 -25.88 15.61 -19.33
C ASN A 265 -26.03 14.26 -18.65
N ILE A 266 -24.91 13.55 -18.45
CA ILE A 266 -24.91 12.28 -17.69
C ILE A 266 -23.95 12.48 -16.54
N ASP A 267 -24.42 12.21 -15.33
CA ASP A 267 -23.63 12.21 -14.11
C ASP A 267 -23.21 10.77 -13.84
N LEU A 268 -21.94 10.42 -14.13
CA LEU A 268 -21.54 9.00 -14.08
C LEU A 268 -21.68 8.44 -12.65
N ARG A 269 -21.69 9.31 -11.65
CA ARG A 269 -21.83 8.85 -10.25
C ARG A 269 -23.15 8.13 -10.04
N THR A 270 -24.16 8.37 -10.90
CA THR A 270 -25.48 7.71 -10.78
C THR A 270 -25.45 6.25 -11.18
N ASP A 271 -24.33 5.75 -11.70
CA ASP A 271 -24.18 4.34 -12.10
C ASP A 271 -22.88 3.80 -11.51
N LYS A 272 -22.96 2.96 -10.48
CA LYS A 272 -21.74 2.46 -9.80
C LYS A 272 -20.87 1.62 -10.75
N ARG A 273 -21.47 0.87 -11.68
CA ARG A 273 -20.72 0.06 -12.66
C ARG A 273 -19.93 0.99 -13.58
N ALA A 274 -20.49 2.14 -13.95
CA ALA A 274 -19.81 3.12 -14.82
C ALA A 274 -18.58 3.65 -14.09
N ILE A 275 -18.73 4.03 -12.81
CA ILE A 275 -17.63 4.53 -11.98
C ILE A 275 -16.54 3.45 -11.91
N GLN A 276 -16.90 2.19 -11.70
CA GLN A 276 -15.91 1.08 -11.60
C GLN A 276 -15.11 1.00 -12.91
N LYS A 277 -15.78 1.02 -14.05
CA LYS A 277 -15.11 0.93 -15.37
C LYS A 277 -14.18 2.14 -15.53
N LEU A 278 -14.66 3.34 -15.19
CA LEU A 278 -13.82 4.56 -15.36
C LEU A 278 -12.59 4.47 -14.47
N ARG A 279 -12.72 4.02 -13.20
N ARG A 279 -12.74 4.02 -13.21
CA ARG A 279 -11.59 4.01 -12.24
CA ARG A 279 -11.63 4.00 -12.23
C ARG A 279 -10.50 3.08 -12.76
C ARG A 279 -10.51 3.08 -12.75
N LYS A 280 -10.87 1.97 -13.37
CA LYS A 280 -9.91 0.97 -13.90
C LYS A 280 -9.09 1.65 -14.99
N GLU A 281 -9.76 2.40 -15.87
CA GLU A 281 -9.08 3.06 -17.04
C GLU A 281 -8.26 4.25 -16.56
N VAL A 282 -8.75 4.96 -15.54
CA VAL A 282 -8.01 6.15 -15.00
C VAL A 282 -6.72 5.69 -14.34
N GLU A 283 -6.77 4.60 -13.58
CA GLU A 283 -5.55 3.99 -12.97
C GLU A 283 -4.52 3.64 -14.05
N ILE A 284 -4.94 3.03 -15.15
CA ILE A 284 -4.01 2.67 -16.27
C ILE A 284 -3.43 3.96 -16.86
N ALA A 285 -4.29 4.96 -17.09
CA ALA A 285 -3.90 6.23 -17.71
C ALA A 285 -2.83 6.90 -16.84
N LYS A 286 -3.05 6.95 -15.53
CA LYS A 286 -2.07 7.52 -14.63
C LYS A 286 -0.71 6.82 -14.78
N ARG A 287 -0.73 5.51 -14.83
CA ARG A 287 0.54 4.75 -14.96
C ARG A 287 1.21 5.10 -16.29
N ASN A 288 0.45 5.15 -17.39
CA ASN A 288 1.00 5.54 -18.72
C ASN A 288 1.69 6.88 -18.62
N LEU A 289 1.09 7.82 -17.91
CA LEU A 289 1.60 9.19 -17.87
C LEU A 289 2.88 9.33 -17.03
N SER A 290 3.37 8.24 -16.42
CA SER A 290 4.72 8.22 -15.79
C SER A 290 5.78 8.00 -16.88
N VAL A 291 5.34 7.66 -18.08
CA VAL A 291 6.25 7.32 -19.21
C VAL A 291 5.96 8.22 -20.41
N VAL A 292 4.70 8.41 -20.78
CA VAL A 292 4.30 9.21 -21.96
C VAL A 292 3.66 10.53 -21.48
N HIS A 293 3.41 11.45 -22.42
CA HIS A 293 2.90 12.81 -22.12
C HIS A 293 1.38 12.89 -22.31
N SER A 294 0.80 11.97 -23.07
N SER A 294 0.80 12.00 -23.13
CA SER A 294 -0.64 12.00 -23.44
CA SER A 294 -0.64 11.99 -23.52
C SER A 294 -1.13 10.57 -23.58
C SER A 294 -1.12 10.55 -23.57
N THR A 295 -2.32 10.27 -23.04
CA THR A 295 -2.92 8.94 -23.12
C THR A 295 -4.42 9.05 -23.28
N GLN A 296 -5.01 8.00 -23.88
CA GLN A 296 -6.46 7.95 -24.15
C GLN A 296 -7.11 7.14 -23.04
N ILE A 297 -8.21 7.64 -22.55
CA ILE A 297 -9.07 6.91 -21.60
C ILE A 297 -10.34 6.56 -22.37
N GLU A 298 -10.59 5.27 -22.58
CA GLU A 298 -11.67 4.83 -23.48
C GLU A 298 -12.49 3.73 -22.81
N ILE A 299 -13.80 3.92 -22.75
CA ILE A 299 -14.77 2.86 -22.30
C ILE A 299 -15.93 2.90 -23.29
N GLU A 300 -16.14 1.80 -23.99
CA GLU A 300 -17.32 1.63 -24.87
C GLU A 300 -18.54 1.47 -23.97
N ASP A 301 -19.60 2.20 -24.27
CA ASP A 301 -20.90 2.04 -23.55
C ASP A 301 -20.65 2.13 -22.03
N ILE A 302 -19.99 3.18 -21.59
CA ILE A 302 -19.75 3.40 -20.14
C ILE A 302 -21.11 3.41 -19.43
N VAL A 303 -22.11 3.98 -20.10
CA VAL A 303 -23.54 3.58 -19.89
C VAL A 303 -24.10 3.21 -21.26
N GLU A 304 -25.25 2.57 -21.32
CA GLU A 304 -25.77 2.07 -22.63
C GLU A 304 -25.91 3.25 -23.60
N GLY A 305 -25.25 3.15 -24.76
CA GLY A 305 -25.42 4.09 -25.87
C GLY A 305 -24.49 5.29 -25.75
N HIS A 306 -23.56 5.30 -24.80
CA HIS A 306 -22.69 6.48 -24.54
C HIS A 306 -21.28 5.97 -24.26
N ASN A 307 -20.38 6.27 -25.19
CA ASN A 307 -18.95 5.94 -25.05
C ASN A 307 -18.29 7.03 -24.22
N PHE A 308 -17.27 6.63 -23.49
CA PHE A 308 -16.32 7.55 -22.85
C PHE A 308 -15.06 7.55 -23.67
N SER A 309 -14.64 8.73 -24.12
CA SER A 309 -13.39 8.87 -24.90
C SER A 309 -12.74 10.21 -24.60
N GLU A 310 -11.65 10.19 -23.86
CA GLU A 310 -10.96 11.43 -23.44
C GLU A 310 -9.45 11.25 -23.56
N THR A 311 -8.78 12.37 -23.67
CA THR A 311 -7.31 12.43 -23.59
C THR A 311 -6.99 13.04 -22.24
N LEU A 312 -6.00 12.48 -21.55
CA LEU A 312 -5.40 13.11 -20.36
C LEU A 312 -3.92 13.33 -20.64
N THR A 313 -3.46 14.53 -20.38
CA THR A 313 -2.04 14.87 -20.49
C THR A 313 -1.34 14.75 -19.15
N ARG A 314 -0.03 14.61 -19.19
CA ARG A 314 0.77 14.63 -17.96
C ARG A 314 0.60 16.00 -17.29
N ALA A 315 0.51 17.09 -18.07
CA ALA A 315 0.41 18.44 -17.46
C ALA A 315 -0.89 18.53 -16.66
N LYS A 316 -1.98 18.04 -17.23
CA LYS A 316 -3.29 18.15 -16.53
C LYS A 316 -3.33 17.18 -15.34
N PHE A 317 -2.76 15.98 -15.49
CA PHE A 317 -2.63 15.02 -14.35
C PHE A 317 -1.92 15.73 -13.20
N GLU A 318 -0.79 16.41 -13.49
CA GLU A 318 0.01 17.13 -12.47
C GLU A 318 -0.79 18.30 -11.91
N GLU A 319 -1.46 19.06 -12.77
CA GLU A 319 -2.24 20.21 -12.32
C GLU A 319 -3.34 19.75 -11.34
N LEU A 320 -3.95 18.61 -11.59
CA LEU A 320 -5.09 18.11 -10.80
C LEU A 320 -4.63 17.67 -9.40
N ASN A 321 -3.32 17.39 -9.25
CA ASN A 321 -2.77 16.70 -8.06
C ASN A 321 -1.64 17.48 -7.38
N ASP A 322 -1.34 18.68 -7.87
N ASP A 322 -1.26 18.65 -7.90
CA ASP A 322 -0.11 19.42 -7.49
CA ASP A 322 0.02 19.28 -7.51
C ASP A 322 -0.09 19.59 -5.98
C ASP A 322 -0.06 19.63 -6.00
N ASP A 323 -1.23 20.00 -5.43
CA ASP A 323 -1.33 20.25 -3.97
C ASP A 323 -1.05 18.98 -3.17
N LEU A 324 -1.59 17.83 -3.60
CA LEU A 324 -1.35 16.53 -2.92
C LEU A 324 0.12 16.16 -3.04
N PHE A 325 0.71 16.35 -4.21
CA PHE A 325 2.15 16.01 -4.36
C PHE A 325 2.94 16.85 -3.34
N ARG A 326 2.68 18.15 -3.26
N ARG A 326 2.68 18.16 -3.29
CA ARG A 326 3.47 19.08 -2.39
CA ARG A 326 3.42 19.12 -2.41
C ARG A 326 3.16 18.80 -0.92
C ARG A 326 3.16 18.79 -0.94
N GLU A 327 1.99 18.24 -0.61
CA GLU A 327 1.63 17.84 0.78
C GLU A 327 2.65 16.81 1.30
N THR A 328 3.24 16.01 0.43
CA THR A 328 4.16 14.91 0.86
C THR A 328 5.40 15.57 1.50
N LEU A 329 5.68 16.83 1.20
CA LEU A 329 6.89 17.50 1.78
C LEU A 329 6.66 17.87 3.25
N GLU A 330 5.42 17.98 3.71
CA GLU A 330 5.12 18.40 5.10
C GLU A 330 5.71 17.36 6.06
N PRO A 331 5.41 16.05 5.91
CA PRO A 331 6.07 15.04 6.73
C PRO A 331 7.59 14.95 6.57
N VAL A 332 8.12 15.26 5.39
CA VAL A 332 9.60 15.29 5.20
C VAL A 332 10.18 16.37 6.11
N LYS A 333 9.61 17.57 6.09
CA LYS A 333 10.06 18.67 6.97
C LYS A 333 9.96 18.24 8.45
N LYS A 334 8.89 17.53 8.83
CA LYS A 334 8.63 17.12 10.21
C LYS A 334 9.71 16.13 10.68
N VAL A 335 10.06 15.13 9.87
CA VAL A 335 11.10 14.15 10.33
C VAL A 335 12.47 14.84 10.43
N LEU A 336 12.82 15.72 9.49
CA LEU A 336 14.11 16.46 9.60
C LEU A 336 14.10 17.31 10.88
N ASP A 337 12.98 17.96 11.20
CA ASP A 337 12.81 18.80 12.41
C ASP A 337 12.86 17.92 13.68
N ASP A 338 12.16 16.78 13.69
CA ASP A 338 12.15 15.82 14.84
C ASP A 338 13.58 15.31 15.10
N ALA A 339 14.39 15.08 14.07
CA ALA A 339 15.71 14.40 14.21
C ALA A 339 16.77 15.47 14.43
N LYS A 340 16.36 16.74 14.35
CA LYS A 340 17.23 17.92 14.33
C LYS A 340 18.26 17.76 13.22
N TYR A 341 17.83 17.38 12.03
CA TYR A 341 18.69 17.16 10.85
C TYR A 341 18.61 18.38 9.94
N GLU A 342 19.76 18.73 9.34
CA GLU A 342 19.84 19.59 8.13
C GLU A 342 19.51 18.72 6.94
N LYS A 343 18.94 19.28 5.88
CA LYS A 343 18.69 18.49 4.65
C LYS A 343 19.99 17.79 4.25
N SER A 344 21.13 18.48 4.37
CA SER A 344 22.48 17.99 3.96
C SER A 344 22.84 16.74 4.75
N LYS A 345 22.35 16.63 6.00
CA LYS A 345 22.64 15.48 6.90
C LYS A 345 22.12 14.19 6.24
N ILE A 346 21.10 14.24 5.37
CA ILE A 346 20.66 13.01 4.65
C ILE A 346 21.68 12.62 3.57
N ASP A 347 22.16 11.37 3.59
CA ASP A 347 23.21 10.78 2.72
C ASP A 347 22.58 10.19 1.46
N GLU A 348 21.40 9.54 1.54
CA GLU A 348 20.74 8.93 0.36
C GLU A 348 19.22 9.04 0.61
N ILE A 349 18.48 9.15 -0.51
CA ILE A 349 16.99 9.14 -0.57
C ILE A 349 16.58 7.87 -1.29
N VAL A 350 15.74 7.11 -0.65
CA VAL A 350 15.25 5.87 -1.22
C VAL A 350 13.73 5.97 -1.36
N LEU A 351 13.20 5.63 -2.53
CA LEU A 351 11.74 5.66 -2.83
C LEU A 351 11.21 4.25 -2.84
N VAL A 352 10.06 4.07 -2.21
CA VAL A 352 9.30 2.84 -2.13
C VAL A 352 7.87 3.26 -2.47
N GLY A 353 7.13 2.32 -3.03
CA GLY A 353 5.75 2.45 -3.47
C GLY A 353 5.66 2.87 -4.90
N GLY A 354 4.69 2.31 -5.60
CA GLY A 354 4.52 2.45 -7.04
C GLY A 354 4.30 3.91 -7.39
N SER A 355 3.77 4.70 -6.44
CA SER A 355 3.43 6.11 -6.72
C SER A 355 4.71 6.96 -6.88
N THR A 356 5.87 6.46 -6.43
CA THR A 356 7.13 7.22 -6.58
C THR A 356 7.63 7.17 -8.03
N ARG A 357 6.94 6.45 -8.89
CA ARG A 357 7.21 6.44 -10.36
C ARG A 357 6.74 7.72 -11.02
N ILE A 358 5.86 8.49 -10.36
CA ILE A 358 5.36 9.77 -10.95
C ILE A 358 6.52 10.73 -11.09
N PRO A 359 6.88 11.18 -12.31
CA PRO A 359 8.03 12.05 -12.45
C PRO A 359 7.97 13.28 -11.56
N LYS A 360 6.78 13.88 -11.39
CA LYS A 360 6.65 15.11 -10.61
C LYS A 360 7.02 14.86 -9.15
N ILE A 361 6.74 13.66 -8.64
CA ILE A 361 7.08 13.31 -7.23
C ILE A 361 8.61 13.35 -7.06
N GLN A 362 9.30 12.75 -8.00
CA GLN A 362 10.77 12.68 -7.96
C GLN A 362 11.36 14.07 -8.08
N GLN A 363 10.80 14.91 -8.95
CA GLN A 363 11.26 16.29 -9.13
C GLN A 363 11.13 17.08 -7.84
N ILE A 364 9.96 17.01 -7.21
CA ILE A 364 9.68 17.79 -5.98
C ILE A 364 10.65 17.33 -4.89
N ILE A 365 10.90 16.04 -4.77
CA ILE A 365 11.79 15.49 -3.70
C ILE A 365 13.20 16.05 -3.96
N LYS A 366 13.73 15.81 -5.15
N LYS A 366 13.74 15.81 -5.14
CA LYS A 366 15.04 16.33 -5.64
CA LYS A 366 15.06 16.37 -5.57
C LYS A 366 15.18 17.82 -5.30
C LYS A 366 15.15 17.85 -5.20
N GLU A 367 14.22 18.67 -5.67
CA GLU A 367 14.27 20.13 -5.47
C GLU A 367 14.17 20.52 -3.98
N PHE A 368 13.45 19.77 -3.15
CA PHE A 368 13.33 20.11 -1.71
C PHE A 368 14.71 20.00 -1.02
N PHE A 369 15.47 19.06 -1.51
CA PHE A 369 16.82 18.67 -1.03
C PHE A 369 17.85 19.39 -1.91
N ASN A 370 17.49 20.62 -2.32
CA ASN A 370 18.43 21.64 -2.85
C ASN A 370 19.28 20.95 -3.91
N GLY A 371 18.64 20.12 -4.72
CA GLY A 371 19.16 19.62 -5.99
C GLY A 371 19.53 18.15 -5.90
N LYS A 372 19.60 17.61 -4.70
CA LYS A 372 20.16 16.25 -4.50
C LYS A 372 19.32 15.19 -5.18
N GLU A 373 19.91 14.22 -5.90
CA GLU A 373 19.11 13.23 -6.68
C GLU A 373 18.61 12.14 -5.75
N PRO A 374 17.29 11.77 -5.72
CA PRO A 374 16.79 10.60 -4.99
C PRO A 374 17.27 9.32 -5.64
N ASN A 375 17.54 8.27 -4.84
CA ASN A 375 17.63 6.89 -5.39
C ASN A 375 16.21 6.39 -5.45
N ARG A 376 15.87 5.74 -6.56
CA ARG A 376 14.62 5.00 -6.69
C ARG A 376 14.99 3.71 -7.34
N GLY A 377 14.33 2.64 -6.88
CA GLY A 377 14.37 1.26 -7.39
C GLY A 377 13.80 1.24 -8.76
N ILE A 378 13.69 0.05 -9.36
CA ILE A 378 12.91 -0.18 -10.62
C ILE A 378 11.61 -0.95 -10.35
N ASN A 379 11.44 -1.65 -9.21
CA ASN A 379 10.16 -2.27 -8.80
C ASN A 379 9.81 -1.82 -7.38
N PRO A 380 9.45 -0.53 -7.22
CA PRO A 380 9.33 0.11 -5.91
C PRO A 380 8.18 -0.46 -5.06
N ASP A 381 7.24 -1.14 -5.71
N ASP A 381 7.17 -1.13 -5.64
CA ASP A 381 6.06 -1.80 -5.09
CA ASP A 381 6.08 -1.76 -4.85
C ASP A 381 6.47 -3.08 -4.35
C ASP A 381 6.52 -3.09 -4.22
N GLU A 382 7.60 -3.69 -4.73
CA GLU A 382 8.05 -5.01 -4.23
C GLU A 382 9.25 -4.87 -3.26
N ALA A 383 9.86 -3.70 -3.17
CA ALA A 383 11.10 -3.45 -2.40
C ALA A 383 10.92 -3.96 -0.98
N VAL A 384 9.81 -3.66 -0.34
CA VAL A 384 9.62 -4.10 1.09
C VAL A 384 9.56 -5.61 1.22
N ALA A 385 8.80 -6.33 0.41
CA ALA A 385 8.72 -7.78 0.46
C ALA A 385 10.10 -8.32 0.13
N TYR A 386 10.80 -7.67 -0.79
CA TYR A 386 12.16 -8.17 -1.17
C TYR A 386 13.06 -8.12 0.07
N GLY A 387 13.01 -7.00 0.81
CA GLY A 387 13.84 -6.86 2.01
C GLY A 387 13.40 -7.84 3.08
N ALA A 388 12.10 -8.12 3.22
CA ALA A 388 11.62 -9.13 4.19
C ALA A 388 12.20 -10.51 3.85
N ALA A 389 12.27 -10.84 2.57
CA ALA A 389 12.81 -12.14 2.13
C ALA A 389 14.33 -12.15 2.41
N ILE A 390 15.02 -11.04 2.18
N ILE A 390 15.01 -11.04 2.17
CA ILE A 390 16.46 -10.94 2.55
CA ILE A 390 16.46 -10.95 2.52
C ILE A 390 16.63 -11.19 4.06
C ILE A 390 16.62 -11.20 4.04
N GLN A 391 15.79 -10.56 4.88
CA GLN A 391 15.86 -10.75 6.35
C GLN A 391 15.63 -12.24 6.67
N ALA A 392 14.68 -12.89 6.02
CA ALA A 392 14.48 -14.36 6.15
C ALA A 392 15.81 -15.10 5.87
N GLY A 393 16.49 -14.72 4.79
CA GLY A 393 17.75 -15.37 4.38
C GLY A 393 18.80 -15.15 5.43
N ILE A 394 18.84 -13.96 6.03
CA ILE A 394 19.86 -13.57 7.04
C ILE A 394 19.64 -14.45 8.27
N ILE A 395 18.38 -14.61 8.67
CA ILE A 395 18.03 -15.41 9.87
C ILE A 395 18.43 -16.88 9.67
N LEU A 396 18.25 -17.45 8.49
CA LEU A 396 18.58 -18.89 8.29
C LEU A 396 20.09 -19.12 8.16
N GLY A 397 20.85 -18.13 7.70
CA GLY A 397 22.31 -18.24 7.50
C GLY A 397 22.68 -19.23 6.39
#